data_4ANM
#
_entry.id   4ANM
#
_cell.length_a   142.061
_cell.length_b   60.549
_cell.length_c   44.747
_cell.angle_alpha   90.00
_cell.angle_beta   102.92
_cell.angle_gamma   90.00
#
_symmetry.space_group_name_H-M   'C 1 2 1'
#
loop_
_entity.id
_entity.type
_entity.pdbx_description
1 polymer 'CASEIN KINASE II SUBUNIT ALPHA'
2 non-polymer 8-BROMANYL-2-[[(3S)-3-OXIDANYLPYRROLIDIN-1-YL]METHYL]-3H-[1]BENZOFURO[3,2-D]PYRIMIDIN-4-ONE
3 water water
#
_entity_poly.entity_id   1
_entity_poly.type   'polypeptide(L)'
_entity_poly.pdbx_seq_one_letter_code
;GSSKARVYADVNVLRPKEYWDYEALTVQWGEQDDYEVVRKVGRGKYSEVFEGINVNNNEKCIIKILKPVKKKKIKREIKI
LQNLCGGPNIVKLLDIVRDQHSKTPSLIFEYVNNTDFKVLYPTLTDYDIRYYIYELLKALDYCHSQGIMHRDVKPHNVMI
DHELRKLRLIDWGLAEFYHPGKEYNVRVASRYFKGPELLVDLQDYDYSLDMWSLGCMFAGMIFRKEPFFYGHDNHDQLVK
IAKVLGTDGLNVYLNKYRIELDPQLEALVGRHSRKPWLKFMNADNQHLVSPEAIDFLDKLLRYDHQERLTALEAMTHPYF
QQVRAAENSRTRAEF
;
_entity_poly.pdbx_strand_id   A
#
loop_
_chem_comp.id
_chem_comp.type
_chem_comp.name
_chem_comp.formula
WUL non-polymer 8-BROMANYL-2-[[(3S)-3-OXIDANYLPYRROLIDIN-1-YL]METHYL]-3H-[1]BENZOFURO[3,2-D]PYRIMIDIN-4-ONE 'C15 H14 Br N3 O3'
#
# COMPACT_ATOMS: atom_id res chain seq x y z
N SER A 2 -8.33 -17.66 -15.97
CA SER A 2 -8.82 -16.43 -15.30
C SER A 2 -7.74 -15.31 -15.30
N SER A 3 -7.95 -14.23 -14.53
CA SER A 3 -7.00 -13.12 -14.62
C SER A 3 -5.68 -13.55 -14.02
N LYS A 4 -4.59 -13.06 -14.57
CA LYS A 4 -3.27 -13.28 -13.93
C LYS A 4 -2.44 -11.99 -14.00
N ALA A 5 -1.46 -11.85 -13.09
CA ALA A 5 -0.58 -10.72 -13.08
C ALA A 5 0.18 -10.72 -14.43
N ARG A 6 0.44 -9.50 -14.98
CA ARG A 6 1.22 -9.40 -16.21
C ARG A 6 2.67 -9.43 -16.02
N VAL A 7 3.11 -9.28 -14.73
CA VAL A 7 4.54 -9.37 -14.36
C VAL A 7 4.64 -10.15 -13.03
N TYR A 8 5.83 -10.71 -12.85
CA TYR A 8 6.16 -11.46 -11.63
C TYR A 8 5.19 -12.55 -11.26
N ALA A 9 4.58 -13.14 -12.28
CA ALA A 9 3.54 -14.07 -11.93
C ALA A 9 4.07 -15.42 -11.40
N ASP A 10 5.29 -15.79 -11.81
CA ASP A 10 5.86 -17.09 -11.41
C ASP A 10 6.87 -17.06 -10.24
N VAL A 11 6.93 -15.90 -9.51
CA VAL A 11 7.97 -15.75 -8.56
C VAL A 11 7.81 -16.87 -7.53
N ASN A 12 6.61 -17.09 -7.04
CA ASN A 12 6.47 -18.10 -5.92
C ASN A 12 6.46 -19.49 -6.51
N VAL A 13 6.23 -19.63 -7.79
CA VAL A 13 6.35 -21.00 -8.42
C VAL A 13 7.79 -21.44 -8.47
N LEU A 14 8.70 -20.53 -8.83
CA LEU A 14 10.12 -20.83 -8.93
C LEU A 14 10.88 -20.85 -7.61
N ARG A 15 10.34 -20.25 -6.57
CA ARG A 15 11.15 -20.24 -5.34
C ARG A 15 10.78 -21.50 -4.57
N PRO A 16 11.66 -21.91 -3.64
CA PRO A 16 11.39 -23.05 -2.77
C PRO A 16 10.14 -22.83 -1.99
N LYS A 17 9.50 -23.93 -1.62
CA LYS A 17 8.29 -23.90 -0.98
C LYS A 17 8.42 -23.16 0.34
N GLU A 18 9.61 -23.25 0.95
CA GLU A 18 9.90 -22.64 2.25
C GLU A 18 9.59 -21.12 2.19
N TYR A 19 9.94 -20.48 1.08
CA TYR A 19 9.84 -18.99 0.91
C TYR A 19 8.36 -18.55 1.15
N TRP A 20 7.39 -19.22 0.57
CA TRP A 20 6.01 -18.77 0.59
C TRP A 20 5.12 -19.56 1.54
N ASP A 21 5.63 -20.70 2.04
CA ASP A 21 4.73 -21.53 2.88
C ASP A 21 4.88 -21.03 4.32
N TYR A 22 4.26 -19.87 4.54
CA TYR A 22 4.42 -19.23 5.81
C TYR A 22 3.89 -19.99 7.02
N GLU A 23 2.89 -20.88 6.86
CA GLU A 23 2.37 -21.67 8.05
C GLU A 23 3.43 -22.66 8.52
N ALA A 24 4.36 -22.96 7.65
CA ALA A 24 5.52 -23.85 8.06
C ALA A 24 6.61 -23.14 8.86
N LEU A 25 6.51 -21.83 9.04
CA LEU A 25 7.54 -21.08 9.79
C LEU A 25 7.52 -21.50 11.25
N THR A 26 8.66 -21.71 11.87
CA THR A 26 8.67 -21.78 13.34
C THR A 26 9.36 -20.49 13.80
N VAL A 27 8.62 -19.69 14.52
CA VAL A 27 9.15 -18.39 14.89
C VAL A 27 10.25 -18.62 15.94
N GLN A 28 11.37 -17.94 15.72
CA GLN A 28 12.55 -17.93 16.67
C GLN A 28 12.46 -16.69 17.55
N TRP A 29 11.89 -16.84 18.74
CA TRP A 29 11.50 -15.68 19.58
C TRP A 29 12.78 -15.13 20.22
N GLY A 30 12.89 -13.80 20.34
CA GLY A 30 14.08 -13.06 20.85
C GLY A 30 13.79 -12.78 22.34
N GLU A 31 14.49 -11.82 22.92
CA GLU A 31 14.31 -11.57 24.36
C GLU A 31 13.45 -10.30 24.56
N GLN A 32 12.23 -10.45 25.11
CA GLN A 32 11.25 -9.38 25.29
C GLN A 32 11.98 -8.30 26.03
N ASP A 33 12.83 -8.69 26.97
CA ASP A 33 13.53 -7.72 27.84
CA ASP A 33 13.51 -7.75 27.87
C ASP A 33 14.48 -6.84 27.18
N ASP A 34 14.95 -7.19 25.97
CA ASP A 34 15.95 -6.36 25.31
C ASP A 34 15.35 -4.98 24.81
N TYR A 35 14.01 -4.83 24.82
CA TYR A 35 13.44 -3.60 24.16
C TYR A 35 12.52 -2.94 25.07
N GLU A 36 12.83 -1.73 25.41
CA GLU A 36 12.02 -1.00 26.39
C GLU A 36 11.14 0.09 25.71
N VAL A 37 9.91 0.17 26.13
CA VAL A 37 8.96 1.15 25.55
C VAL A 37 9.26 2.51 26.06
N VAL A 38 9.34 3.48 25.19
CA VAL A 38 9.55 4.83 25.64
C VAL A 38 8.27 5.64 25.57
N ARG A 39 7.62 5.69 24.41
CA ARG A 39 6.29 6.35 24.40
C ARG A 39 5.47 5.85 23.21
N LYS A 40 4.17 5.99 23.33
CA LYS A 40 3.31 5.57 22.20
C LYS A 40 3.39 6.50 20.99
N VAL A 41 3.40 5.94 19.78
CA VAL A 41 3.48 6.75 18.55
C VAL A 41 2.40 6.37 17.54
N GLY A 42 1.66 5.30 17.81
CA GLY A 42 0.67 4.87 16.76
C GLY A 42 -0.26 3.85 17.27
N ARG A 43 -1.27 3.54 16.45
CA ARG A 43 -2.18 2.49 16.82
C ARG A 43 -3.01 2.14 15.59
N GLY A 44 -3.59 0.97 15.68
CA GLY A 44 -4.64 0.60 14.66
C GLY A 44 -5.53 -0.49 15.22
N LYS A 45 -6.38 -1.07 14.34
CA LYS A 45 -7.25 -2.08 14.84
C LYS A 45 -6.55 -3.31 15.36
N TYR A 46 -5.29 -3.47 14.94
CA TYR A 46 -4.59 -4.75 15.26
C TYR A 46 -3.33 -4.56 16.09
N SER A 47 -3.00 -3.34 16.50
CA SER A 47 -1.71 -3.15 17.29
C SER A 47 -1.68 -1.83 18.05
N GLU A 48 -0.70 -1.68 18.98
CA GLU A 48 -0.35 -0.34 19.49
C GLU A 48 1.11 -0.23 19.29
N VAL A 49 1.57 0.95 18.87
CA VAL A 49 2.92 1.08 18.36
C VAL A 49 3.61 2.08 19.21
N PHE A 50 4.88 1.73 19.59
CA PHE A 50 5.66 2.57 20.48
C PHE A 50 7.08 2.82 19.98
N GLU A 51 7.62 4.00 20.29
CA GLU A 51 9.04 4.23 20.10
C GLU A 51 9.69 3.48 21.29
N GLY A 52 10.82 2.87 21.01
CA GLY A 52 11.49 2.06 22.08
C GLY A 52 12.96 2.33 22.03
N ILE A 53 13.65 1.67 23.00
CA ILE A 53 15.13 1.61 22.99
C ILE A 53 15.58 0.17 23.03
N ASN A 54 16.61 -0.18 22.27
CA ASN A 54 17.25 -1.48 22.41
C ASN A 54 18.30 -1.32 23.56
N VAL A 55 18.11 -2.06 24.63
CA VAL A 55 18.90 -1.72 25.84
C VAL A 55 20.36 -2.21 25.69
N ASN A 56 20.58 -3.09 24.74
CA ASN A 56 21.92 -3.51 24.40
C ASN A 56 22.76 -2.42 23.82
N ASN A 57 22.26 -1.69 22.78
CA ASN A 57 23.10 -0.75 22.07
C ASN A 57 22.58 0.65 22.14
N ASN A 58 21.52 0.88 22.94
CA ASN A 58 20.93 2.19 23.18
C ASN A 58 20.39 2.91 21.91
N GLU A 59 20.17 2.10 20.88
CA GLU A 59 19.61 2.57 19.59
C GLU A 59 18.05 2.64 19.67
N LYS A 60 17.48 3.61 19.00
CA LYS A 60 16.00 3.67 18.93
C LYS A 60 15.47 2.50 18.12
N CYS A 61 14.23 2.10 18.42
CA CYS A 61 13.52 1.15 17.61
C CYS A 61 12.01 1.48 17.75
N ILE A 62 11.16 0.73 17.03
CA ILE A 62 9.73 0.81 17.15
C ILE A 62 9.25 -0.57 17.55
N ILE A 63 8.35 -0.58 18.52
CA ILE A 63 7.78 -1.74 19.07
C ILE A 63 6.28 -1.83 18.73
N LYS A 64 5.96 -2.85 17.92
CA LYS A 64 4.53 -3.05 17.55
C LYS A 64 3.98 -4.17 18.39
N ILE A 65 3.12 -3.80 19.35
CA ILE A 65 2.56 -4.75 20.25
C ILE A 65 1.23 -5.23 19.66
N LEU A 66 1.19 -6.51 19.35
CA LEU A 66 -0.05 -6.96 18.62
C LEU A 66 -1.20 -7.25 19.55
N LYS A 67 -2.43 -6.85 19.10
CA LYS A 67 -3.67 -7.32 19.79
C LYS A 67 -3.90 -8.78 19.47
N PRO A 68 -4.67 -9.52 20.34
CA PRO A 68 -4.73 -10.97 20.15
C PRO A 68 -4.92 -11.34 18.73
N VAL A 69 -4.13 -12.29 18.21
CA VAL A 69 -4.12 -12.54 16.77
C VAL A 69 -3.88 -14.06 16.55
N LYS A 70 -4.55 -14.57 15.53
CA LYS A 70 -4.41 -16.02 15.14
C LYS A 70 -3.02 -16.38 14.63
N LYS A 71 -2.57 -17.62 14.94
CA LYS A 71 -1.23 -17.96 14.62
C LYS A 71 -0.97 -17.80 13.09
N LYS A 72 -1.92 -18.24 12.27
CA LYS A 72 -1.75 -18.22 10.82
C LYS A 72 -1.48 -16.78 10.34
N LYS A 73 -2.29 -15.89 10.87
CA LYS A 73 -2.24 -14.47 10.51
CA LYS A 73 -2.22 -14.47 10.48
C LYS A 73 -0.89 -13.86 10.83
N ILE A 74 -0.43 -14.09 12.08
CA ILE A 74 0.84 -13.49 12.48
C ILE A 74 2.04 -14.12 11.77
N LYS A 75 2.01 -15.43 11.48
CA LYS A 75 3.12 -16.02 10.75
C LYS A 75 3.22 -15.43 9.33
N ARG A 76 2.04 -15.09 8.76
CA ARG A 76 2.01 -14.44 7.40
C ARG A 76 2.73 -13.10 7.41
N GLU A 77 2.47 -12.25 8.40
CA GLU A 77 3.12 -10.91 8.47
C GLU A 77 4.58 -11.13 8.72
N ILE A 78 4.90 -12.02 9.69
CA ILE A 78 6.28 -12.24 9.99
C ILE A 78 7.07 -12.72 8.78
N LYS A 79 6.55 -13.76 8.11
CA LYS A 79 7.34 -14.35 6.97
C LYS A 79 7.50 -13.36 5.81
N ILE A 80 6.43 -12.54 5.59
CA ILE A 80 6.53 -11.52 4.54
C ILE A 80 7.62 -10.47 4.93
N LEU A 81 7.56 -10.02 6.18
CA LEU A 81 8.64 -9.09 6.59
C LEU A 81 10.06 -9.65 6.45
N GLN A 82 10.23 -10.89 6.87
CA GLN A 82 11.55 -11.50 6.80
C GLN A 82 12.01 -11.63 5.36
N ASN A 83 11.07 -11.97 4.48
CA ASN A 83 11.43 -12.14 3.04
C ASN A 83 11.83 -10.85 2.39
N LEU A 84 11.25 -9.74 2.86
CA LEU A 84 11.49 -8.45 2.20
C LEU A 84 12.53 -7.61 2.91
N CYS A 85 12.98 -8.05 4.10
CA CYS A 85 13.94 -7.25 4.95
C CYS A 85 15.19 -6.96 4.13
N GLY A 86 15.57 -5.68 4.03
CA GLY A 86 16.75 -5.32 3.27
C GLY A 86 16.47 -4.75 1.90
N GLY A 87 15.25 -4.94 1.44
CA GLY A 87 14.88 -4.39 0.14
C GLY A 87 14.64 -2.87 0.22
N PRO A 88 14.69 -2.15 -0.94
CA PRO A 88 14.63 -0.67 -0.92
C PRO A 88 13.39 -0.16 -0.27
N ASN A 89 13.60 0.66 0.77
CA ASN A 89 12.48 1.31 1.40
C ASN A 89 11.40 0.42 2.05
N ILE A 90 11.71 -0.84 2.30
CA ILE A 90 10.89 -1.70 3.11
C ILE A 90 11.31 -1.55 4.59
N VAL A 91 10.35 -1.34 5.48
CA VAL A 91 10.66 -1.25 6.90
C VAL A 91 11.42 -2.54 7.25
N LYS A 92 12.44 -2.39 8.08
CA LYS A 92 13.16 -3.63 8.53
C LYS A 92 12.64 -4.20 9.81
N LEU A 93 12.22 -5.47 9.78
CA LEU A 93 11.91 -6.20 10.99
C LEU A 93 13.27 -6.65 11.61
N LEU A 94 13.48 -6.18 12.86
CA LEU A 94 14.77 -6.44 13.59
C LEU A 94 14.68 -7.65 14.53
N ASP A 95 13.52 -7.86 15.15
CA ASP A 95 13.34 -8.94 16.13
C ASP A 95 11.85 -9.21 16.36
N ILE A 96 11.51 -10.33 17.02
CA ILE A 96 10.18 -10.78 17.28
C ILE A 96 10.25 -11.32 18.70
N VAL A 97 9.39 -10.85 19.61
CA VAL A 97 9.48 -11.26 21.04
C VAL A 97 8.07 -11.45 21.60
N ARG A 98 7.93 -12.06 22.79
CA ARG A 98 6.58 -12.20 23.34
C ARG A 98 6.62 -12.21 24.84
N ASP A 99 5.55 -11.75 25.44
CA ASP A 99 5.37 -11.73 26.92
C ASP A 99 5.08 -13.18 27.33
N GLN A 100 5.76 -13.68 28.35
CA GLN A 100 5.67 -15.08 28.70
C GLN A 100 4.30 -15.32 29.30
N HIS A 101 3.86 -14.44 30.22
CA HIS A 101 2.62 -14.71 30.89
C HIS A 101 1.48 -14.77 29.93
N SER A 102 1.35 -13.76 29.04
CA SER A 102 0.15 -13.62 28.20
C SER A 102 0.39 -14.14 26.81
N LYS A 103 1.64 -14.30 26.45
CA LYS A 103 2.06 -14.67 25.11
C LYS A 103 1.75 -13.56 24.09
N THR A 104 1.60 -12.31 24.56
CA THR A 104 1.36 -11.17 23.63
C THR A 104 2.65 -10.91 22.84
N PRO A 105 2.61 -11.03 21.50
CA PRO A 105 3.81 -10.83 20.58
C PRO A 105 4.04 -9.39 20.20
N SER A 106 5.30 -9.02 20.07
CA SER A 106 5.72 -7.69 19.66
C SER A 106 6.63 -7.89 18.51
N LEU A 107 6.44 -7.04 17.48
CA LEU A 107 7.43 -7.00 16.40
C LEU A 107 8.25 -5.78 16.61
N ILE A 108 9.57 -5.92 16.43
CA ILE A 108 10.47 -4.80 16.66
C ILE A 108 11.04 -4.38 15.29
N PHE A 109 10.93 -3.09 15.06
CA PHE A 109 11.35 -2.49 13.79
C PHE A 109 12.39 -1.42 13.94
N GLU A 110 13.06 -1.13 12.81
CA GLU A 110 13.78 0.13 12.74
C GLU A 110 12.91 1.34 13.06
N TYR A 111 13.55 2.36 13.63
CA TYR A 111 12.84 3.56 13.95
C TYR A 111 12.80 4.54 12.75
N VAL A 112 11.67 5.23 12.59
CA VAL A 112 11.64 6.42 11.69
C VAL A 112 11.01 7.56 12.42
N ASN A 113 11.52 8.79 12.22
CA ASN A 113 10.87 9.98 12.76
C ASN A 113 9.82 10.48 11.81
N ASN A 114 8.63 9.90 11.83
CA ASN A 114 7.61 10.20 10.84
C ASN A 114 6.88 11.50 11.17
N THR A 115 6.43 12.25 10.16
CA THR A 115 5.45 13.30 10.34
C THR A 115 4.25 12.83 9.65
N ASP A 116 3.15 12.79 10.39
CA ASP A 116 1.87 12.34 9.77
C ASP A 116 1.56 13.12 8.52
N PHE A 117 1.00 12.42 7.52
CA PHE A 117 0.69 13.04 6.25
C PHE A 117 -0.18 14.27 6.30
N LYS A 118 -1.08 14.40 7.29
CA LYS A 118 -2.02 15.51 7.25
C LYS A 118 -1.19 16.79 7.48
N VAL A 119 -0.07 16.67 8.20
CA VAL A 119 0.77 17.87 8.49
C VAL A 119 1.96 18.01 7.48
N LEU A 120 2.50 16.85 7.04
CA LEU A 120 3.60 16.86 6.08
C LEU A 120 3.19 17.23 4.64
N TYR A 121 2.10 16.64 4.10
CA TYR A 121 1.86 16.74 2.62
C TYR A 121 1.54 18.13 2.18
N PRO A 122 0.84 18.94 3.00
CA PRO A 122 0.75 20.35 2.53
C PRO A 122 2.08 21.10 2.33
N THR A 123 3.16 20.72 2.97
CA THR A 123 4.44 21.39 2.86
C THR A 123 5.30 20.88 1.67
N LEU A 124 4.88 19.76 1.04
CA LEU A 124 5.68 19.25 -0.07
C LEU A 124 5.62 20.04 -1.34
N THR A 125 6.78 20.27 -1.89
CA THR A 125 6.86 20.99 -3.17
C THR A 125 6.54 19.98 -4.30
N ASP A 126 6.34 20.53 -5.48
CA ASP A 126 6.14 19.70 -6.63
C ASP A 126 7.26 18.64 -6.69
N TYR A 127 8.53 19.07 -6.61
CA TYR A 127 9.62 18.07 -6.73
C TYR A 127 9.63 17.07 -5.56
N ASP A 128 9.30 17.52 -4.32
CA ASP A 128 9.22 16.61 -3.20
C ASP A 128 8.17 15.45 -3.47
N ILE A 129 7.04 15.78 -4.10
CA ILE A 129 6.01 14.72 -4.32
C ILE A 129 6.62 13.74 -5.33
N ARG A 130 7.28 14.30 -6.38
CA ARG A 130 7.94 13.34 -7.37
C ARG A 130 8.89 12.42 -6.64
N TYR A 131 9.70 12.97 -5.72
CA TYR A 131 10.73 12.24 -5.06
C TYR A 131 10.14 11.16 -4.14
N TYR A 132 9.19 11.52 -3.30
CA TYR A 132 8.68 10.55 -2.32
C TYR A 132 7.84 9.46 -3.03
N ILE A 133 7.21 9.81 -4.14
CA ILE A 133 6.36 8.78 -4.82
C ILE A 133 7.39 7.84 -5.49
N TYR A 134 8.47 8.40 -6.04
CA TYR A 134 9.47 7.48 -6.63
C TYR A 134 10.05 6.51 -5.60
N GLU A 135 10.33 7.04 -4.39
CA GLU A 135 10.88 6.18 -3.33
C GLU A 135 9.84 5.06 -2.94
N LEU A 136 8.56 5.43 -2.92
CA LEU A 136 7.51 4.46 -2.59
C LEU A 136 7.42 3.39 -3.68
N LEU A 137 7.54 3.85 -4.94
CA LEU A 137 7.59 2.87 -6.08
C LEU A 137 8.69 1.86 -6.01
N LYS A 138 9.86 2.28 -5.52
CA LYS A 138 10.98 1.34 -5.31
C LYS A 138 10.57 0.16 -4.39
N ALA A 139 9.88 0.48 -3.30
CA ALA A 139 9.39 -0.45 -2.37
C ALA A 139 8.36 -1.40 -3.05
N LEU A 140 7.47 -0.78 -3.82
CA LEU A 140 6.38 -1.65 -4.43
C LEU A 140 6.93 -2.52 -5.52
N ASP A 141 7.81 -1.99 -6.37
CA ASP A 141 8.41 -2.92 -7.40
C ASP A 141 9.16 -3.98 -6.67
N TYR A 142 9.89 -3.61 -5.60
CA TYR A 142 10.58 -4.69 -4.86
C TYR A 142 9.69 -5.73 -4.31
N CYS A 143 8.61 -5.35 -3.56
CA CYS A 143 7.79 -6.39 -2.98
C CYS A 143 7.07 -7.23 -4.08
N HIS A 144 6.61 -6.56 -5.13
CA HIS A 144 6.00 -7.35 -6.19
C HIS A 144 7.00 -8.32 -6.85
N SER A 145 8.23 -7.86 -7.03
CA SER A 145 9.26 -8.74 -7.59
C SER A 145 9.56 -9.91 -6.71
N GLN A 146 9.28 -9.79 -5.41
CA GLN A 146 9.50 -10.88 -4.50
C GLN A 146 8.18 -11.63 -4.24
N GLY A 147 7.18 -11.46 -5.14
CA GLY A 147 5.97 -12.34 -5.10
C GLY A 147 4.99 -11.92 -4.01
N ILE A 148 5.01 -10.64 -3.58
CA ILE A 148 4.13 -10.20 -2.53
C ILE A 148 3.36 -8.93 -2.88
N MET A 149 2.06 -8.95 -2.56
CA MET A 149 1.16 -7.77 -2.68
C MET A 149 1.04 -7.16 -1.31
N HIS A 150 1.14 -5.80 -1.24
CA HIS A 150 1.05 -5.19 0.10
C HIS A 150 -0.40 -5.12 0.57
N ARG A 151 -1.31 -4.78 -0.35
CA ARG A 151 -2.82 -4.75 -0.15
C ARG A 151 -3.34 -3.76 0.90
N ASP A 152 -2.50 -2.78 1.28
CA ASP A 152 -3.00 -1.66 2.13
C ASP A 152 -2.15 -0.38 1.94
N VAL A 153 -1.82 -0.07 0.68
CA VAL A 153 -1.09 1.16 0.38
C VAL A 153 -1.96 2.36 0.68
N LYS A 154 -1.42 3.25 1.51
CA LYS A 154 -2.14 4.55 1.86
C LYS A 154 -1.13 5.38 2.65
N PRO A 155 -1.39 6.68 2.80
CA PRO A 155 -0.34 7.53 3.50
C PRO A 155 -0.02 7.06 4.92
N HIS A 156 -1.01 6.52 5.63
CA HIS A 156 -0.77 6.07 7.02
C HIS A 156 0.20 4.93 7.09
N ASN A 157 0.40 4.24 5.95
CA ASN A 157 1.42 3.16 5.94
C ASN A 157 2.72 3.47 5.25
N VAL A 158 2.94 4.78 5.06
CA VAL A 158 4.19 5.31 4.45
C VAL A 158 4.81 6.28 5.46
N MET A 159 5.86 5.76 6.10
CA MET A 159 6.59 6.61 7.13
C MET A 159 7.56 7.44 6.41
N ILE A 160 7.59 8.79 6.68
CA ILE A 160 8.59 9.65 6.05
C ILE A 160 9.21 10.52 7.16
N ASP A 161 10.51 10.41 7.23
CA ASP A 161 11.32 11.43 7.97
C ASP A 161 11.73 12.46 6.97
N HIS A 162 11.04 13.58 7.04
CA HIS A 162 11.26 14.54 5.99
C HIS A 162 12.67 15.24 6.08
N GLU A 163 13.23 15.42 7.25
CA GLU A 163 14.57 16.04 7.35
C GLU A 163 15.60 15.18 6.64
N LEU A 164 15.49 13.85 6.85
CA LEU A 164 16.44 12.93 6.20
C LEU A 164 16.01 12.48 4.82
N ARG A 165 14.76 12.82 4.43
CA ARG A 165 14.26 12.46 3.07
C ARG A 165 14.22 10.92 2.94
N LYS A 166 13.80 10.29 4.02
CA LYS A 166 13.84 8.79 4.09
C LYS A 166 12.40 8.28 4.18
N LEU A 167 12.10 7.20 3.41
CA LEU A 167 10.69 6.72 3.34
C LEU A 167 10.73 5.23 3.65
N ARG A 168 9.76 4.73 4.43
CA ARG A 168 9.66 3.26 4.61
C ARG A 168 8.21 2.88 4.47
N LEU A 169 7.96 1.82 3.70
CA LEU A 169 6.57 1.27 3.61
C LEU A 169 6.40 0.29 4.78
N ILE A 170 5.33 0.52 5.56
CA ILE A 170 5.07 -0.29 6.78
C ILE A 170 3.74 -1.04 6.73
N ASP A 171 3.52 -1.81 7.83
CA ASP A 171 2.26 -2.46 8.20
C ASP A 171 1.82 -3.45 7.10
N TRP A 172 2.58 -4.52 7.07
CA TRP A 172 2.38 -5.68 6.16
C TRP A 172 1.35 -6.68 6.66
N GLY A 173 0.54 -6.25 7.59
CA GLY A 173 -0.57 -7.02 8.21
C GLY A 173 -1.57 -7.53 7.21
N LEU A 174 -1.79 -6.79 6.14
CA LEU A 174 -2.73 -7.24 5.11
C LEU A 174 -2.07 -7.85 3.86
N ALA A 175 -0.74 -7.96 3.84
CA ALA A 175 0.00 -8.40 2.62
C ALA A 175 -0.18 -9.89 2.46
N GLU A 176 -0.10 -10.31 1.18
CA GLU A 176 -0.17 -11.74 0.85
C GLU A 176 0.79 -12.06 -0.26
N PHE A 177 1.07 -13.37 -0.37
CA PHE A 177 1.86 -13.94 -1.53
C PHE A 177 0.97 -14.10 -2.72
N TYR A 178 1.48 -13.73 -3.88
CA TYR A 178 0.72 -13.87 -5.16
C TYR A 178 0.97 -15.28 -5.77
N HIS A 179 -0.12 -16.02 -5.98
CA HIS A 179 -0.02 -17.33 -6.71
C HIS A 179 -1.06 -17.16 -7.84
N PRO A 180 -0.66 -17.43 -9.07
CA PRO A 180 -1.64 -17.37 -10.22
C PRO A 180 -2.87 -18.19 -10.09
N GLY A 181 -3.99 -17.52 -10.41
CA GLY A 181 -5.42 -18.03 -10.32
C GLY A 181 -6.02 -18.14 -8.94
N LYS A 182 -5.22 -17.87 -7.88
CA LYS A 182 -5.74 -17.90 -6.56
C LYS A 182 -6.77 -16.84 -6.37
N GLU A 183 -7.81 -17.18 -5.67
CA GLU A 183 -8.90 -16.26 -5.41
C GLU A 183 -8.75 -15.70 -4.01
N TYR A 184 -8.49 -14.40 -3.86
CA TYR A 184 -8.17 -13.79 -2.53
C TYR A 184 -9.41 -13.13 -1.95
N ASN A 185 -9.34 -12.87 -0.68
CA ASN A 185 -10.38 -12.12 0.05
C ASN A 185 -10.42 -10.72 -0.42
N VAL A 186 -11.62 -10.22 -0.74
CA VAL A 186 -11.68 -8.80 -1.16
C VAL A 186 -11.71 -7.82 -0.06
N ARG A 187 -11.81 -8.29 1.18
CA ARG A 187 -11.86 -7.41 2.38
C ARG A 187 -10.45 -7.06 2.81
N VAL A 188 -9.78 -6.32 1.94
CA VAL A 188 -8.39 -5.86 2.20
C VAL A 188 -8.35 -4.38 1.86
N ALA A 189 -7.19 -3.77 1.98
CA ALA A 189 -6.99 -2.35 1.83
C ALA A 189 -7.85 -1.54 2.81
N SER A 190 -7.83 -0.25 2.65
CA SER A 190 -8.62 0.62 3.50
C SER A 190 -9.59 1.38 2.58
N ARG A 191 -10.78 1.71 3.04
CA ARG A 191 -11.85 1.98 2.03
C ARG A 191 -11.55 2.95 0.80
N TYR A 192 -11.06 4.14 1.19
CA TYR A 192 -10.72 5.19 0.24
C TYR A 192 -9.66 4.76 -0.77
N PHE A 193 -8.99 3.62 -0.51
CA PHE A 193 -7.90 3.16 -1.35
C PHE A 193 -8.18 1.82 -1.95
N LYS A 194 -9.45 1.39 -1.86
CA LYS A 194 -9.81 0.06 -2.40
C LYS A 194 -9.98 0.15 -3.91
N GLY A 195 -9.36 -0.84 -4.59
CA GLY A 195 -9.52 -0.89 -6.04
C GLY A 195 -10.94 -1.28 -6.45
N PRO A 196 -11.31 -0.86 -7.67
CA PRO A 196 -12.55 -1.45 -8.17
C PRO A 196 -12.67 -2.98 -8.10
N GLU A 197 -11.61 -3.73 -8.34
CA GLU A 197 -11.72 -5.17 -8.24
C GLU A 197 -12.24 -5.59 -6.86
N LEU A 198 -11.83 -4.87 -5.79
CA LEU A 198 -12.31 -5.28 -4.43
C LEU A 198 -13.81 -4.96 -4.32
N LEU A 199 -14.18 -3.84 -4.90
CA LEU A 199 -15.54 -3.23 -4.75
C LEU A 199 -16.59 -3.97 -5.60
N VAL A 200 -16.14 -4.75 -6.57
CA VAL A 200 -17.10 -5.58 -7.44
C VAL A 200 -16.91 -7.08 -7.22
N ASP A 201 -16.10 -7.43 -6.24
CA ASP A 201 -15.88 -8.85 -5.89
C ASP A 201 -15.18 -9.65 -6.96
N LEU A 202 -14.08 -9.11 -7.53
CA LEU A 202 -13.26 -9.84 -8.40
C LEU A 202 -12.11 -10.32 -7.53
N GLN A 203 -12.00 -11.64 -7.28
CA GLN A 203 -11.12 -12.16 -6.25
C GLN A 203 -9.79 -12.52 -6.86
N ASP A 204 -9.70 -12.67 -8.20
CA ASP A 204 -8.44 -13.11 -8.80
C ASP A 204 -7.59 -11.88 -9.21
N TYR A 205 -7.31 -11.09 -8.14
CA TYR A 205 -6.56 -9.83 -8.38
C TYR A 205 -5.08 -10.06 -8.09
N ASP A 206 -4.27 -9.00 -8.26
CA ASP A 206 -2.85 -9.26 -8.24
C ASP A 206 -2.15 -7.99 -7.71
N TYR A 207 -0.86 -7.92 -7.96
CA TYR A 207 -0.05 -6.72 -7.50
C TYR A 207 -0.65 -5.41 -7.93
N SER A 208 -1.22 -5.40 -9.16
CA SER A 208 -1.92 -4.19 -9.66
C SER A 208 -2.87 -3.55 -8.69
N LEU A 209 -3.45 -4.27 -7.75
CA LEU A 209 -4.30 -3.61 -6.73
C LEU A 209 -3.50 -2.50 -6.04
N ASP A 210 -2.20 -2.72 -5.75
CA ASP A 210 -1.45 -1.70 -4.99
C ASP A 210 -1.25 -0.46 -5.87
N MET A 211 -1.27 -0.65 -7.18
CA MET A 211 -1.11 0.51 -8.10
C MET A 211 -2.34 1.44 -8.11
N TRP A 212 -3.55 0.87 -7.99
CA TRP A 212 -4.75 1.67 -7.75
C TRP A 212 -4.61 2.44 -6.46
N SER A 213 -4.27 1.78 -5.38
CA SER A 213 -4.16 2.47 -4.09
C SER A 213 -3.17 3.58 -4.21
N LEU A 214 -2.04 3.31 -4.90
CA LEU A 214 -1.05 4.38 -5.02
C LEU A 214 -1.64 5.58 -5.81
N GLY A 215 -2.34 5.26 -6.89
CA GLY A 215 -2.99 6.32 -7.70
C GLY A 215 -3.90 7.17 -6.79
N CYS A 216 -4.67 6.49 -5.90
CA CYS A 216 -5.61 7.27 -4.99
C CYS A 216 -4.78 8.25 -4.11
N MET A 217 -3.71 7.72 -3.48
CA MET A 217 -2.79 8.56 -2.70
C MET A 217 -2.20 9.71 -3.49
N PHE A 218 -1.77 9.40 -4.71
CA PHE A 218 -1.09 10.36 -5.56
C PHE A 218 -2.10 11.45 -6.01
N ALA A 219 -3.34 11.05 -6.34
CA ALA A 219 -4.36 12.06 -6.73
C ALA A 219 -4.60 12.96 -5.48
N GLY A 220 -4.66 12.37 -4.26
CA GLY A 220 -4.85 13.25 -3.06
C GLY A 220 -3.75 14.28 -2.90
N MET A 221 -2.50 13.89 -3.17
CA MET A 221 -1.31 14.79 -3.04
C MET A 221 -1.33 15.87 -4.09
N ILE A 222 -1.52 15.49 -5.37
CA ILE A 222 -1.43 16.58 -6.41
C ILE A 222 -2.63 17.48 -6.37
N PHE A 223 -3.82 16.95 -6.07
CA PHE A 223 -5.02 17.80 -6.04
C PHE A 223 -5.29 18.43 -4.66
N ARG A 224 -4.49 18.12 -3.66
CA ARG A 224 -4.71 18.52 -2.25
C ARG A 224 -6.20 18.28 -1.92
N LYS A 225 -6.66 17.06 -2.19
CA LYS A 225 -8.06 16.66 -1.93
C LYS A 225 -7.97 15.24 -1.35
N GLU A 226 -7.98 15.15 -0.02
CA GLU A 226 -7.68 13.88 0.66
C GLU A 226 -8.91 13.62 1.60
N PRO A 227 -9.42 12.42 1.53
CA PRO A 227 -9.10 11.40 0.52
C PRO A 227 -9.70 11.82 -0.83
N PHE A 228 -9.11 11.32 -1.92
CA PHE A 228 -9.55 11.79 -3.20
C PHE A 228 -10.90 11.17 -3.55
N PHE A 229 -11.08 9.86 -3.25
CA PHE A 229 -12.45 9.26 -3.48
C PHE A 229 -13.02 9.03 -2.09
N TYR A 230 -13.99 9.85 -1.72
CA TYR A 230 -14.41 9.91 -0.28
C TYR A 230 -15.74 9.17 -0.08
N GLY A 231 -15.77 7.85 -0.21
CA GLY A 231 -17.01 7.07 -0.04
C GLY A 231 -17.27 6.76 1.44
N HIS A 232 -18.52 6.61 1.83
CA HIS A 232 -18.83 6.27 3.22
C HIS A 232 -18.84 4.83 3.55
N ASP A 233 -19.35 3.99 2.66
CA ASP A 233 -19.31 2.58 2.80
C ASP A 233 -18.81 2.00 1.49
N ASN A 234 -18.70 0.64 1.39
CA ASN A 234 -18.01 0.10 0.20
C ASN A 234 -18.82 0.37 -1.06
N HIS A 235 -20.18 0.35 -0.96
CA HIS A 235 -20.89 0.68 -2.14
C HIS A 235 -20.72 2.10 -2.56
N ASP A 236 -20.78 3.01 -1.60
CA ASP A 236 -20.60 4.43 -1.91
C ASP A 236 -19.18 4.71 -2.47
N GLN A 237 -18.24 3.88 -2.05
CA GLN A 237 -16.84 4.01 -2.54
C GLN A 237 -16.82 3.75 -4.05
N LEU A 238 -17.56 2.72 -4.53
CA LEU A 238 -17.62 2.52 -5.98
C LEU A 238 -18.35 3.67 -6.70
N VAL A 239 -19.42 4.17 -6.10
CA VAL A 239 -20.11 5.31 -6.67
C VAL A 239 -19.17 6.53 -6.80
N LYS A 240 -18.36 6.80 -5.79
CA LYS A 240 -17.43 7.98 -5.84
C LYS A 240 -16.46 7.81 -7.01
N ILE A 241 -15.98 6.57 -7.22
CA ILE A 241 -15.10 6.28 -8.36
C ILE A 241 -15.82 6.56 -9.71
N ALA A 242 -17.03 5.98 -9.82
CA ALA A 242 -17.79 5.97 -11.08
C ALA A 242 -18.12 7.40 -11.46
N LYS A 243 -18.36 8.25 -10.46
CA LYS A 243 -18.62 9.69 -10.72
C LYS A 243 -17.41 10.43 -11.28
N VAL A 244 -16.24 9.82 -11.18
CA VAL A 244 -15.04 10.45 -11.72
C VAL A 244 -14.66 9.81 -13.04
N LEU A 245 -14.43 8.49 -13.00
CA LEU A 245 -13.95 7.83 -14.24
C LEU A 245 -15.09 7.57 -15.27
N GLY A 246 -16.33 7.72 -14.82
CA GLY A 246 -17.58 7.51 -15.67
C GLY A 246 -17.98 6.02 -15.74
N THR A 247 -19.27 5.76 -15.97
CA THR A 247 -19.75 4.42 -15.92
C THR A 247 -19.50 3.62 -17.24
N ASP A 248 -19.24 4.29 -18.36
CA ASP A 248 -18.94 3.57 -19.60
C ASP A 248 -17.79 2.58 -19.43
N GLY A 249 -16.67 3.11 -18.92
CA GLY A 249 -15.50 2.29 -18.63
C GLY A 249 -15.71 1.23 -17.58
N LEU A 250 -16.61 1.52 -16.63
CA LEU A 250 -16.90 0.54 -15.59
C LEU A 250 -17.66 -0.57 -16.31
N ASN A 251 -18.58 -0.17 -17.22
CA ASN A 251 -19.32 -1.28 -17.90
C ASN A 251 -18.46 -2.20 -18.80
N VAL A 252 -17.46 -1.62 -19.47
CA VAL A 252 -16.53 -2.35 -20.27
C VAL A 252 -15.79 -3.30 -19.39
N TYR A 253 -15.32 -2.80 -18.23
CA TYR A 253 -14.59 -3.65 -17.27
C TYR A 253 -15.43 -4.82 -16.77
N LEU A 254 -16.63 -4.58 -16.26
CA LEU A 254 -17.48 -5.61 -15.78
C LEU A 254 -17.78 -6.66 -16.84
N ASN A 255 -17.95 -6.24 -18.05
CA ASN A 255 -18.23 -7.20 -19.17
C ASN A 255 -17.01 -8.06 -19.52
N LYS A 256 -15.83 -7.41 -19.55
CA LYS A 256 -14.56 -8.15 -19.79
C LYS A 256 -14.34 -9.31 -18.83
N TYR A 257 -14.57 -9.09 -17.53
CA TYR A 257 -14.36 -10.09 -16.50
C TYR A 257 -15.60 -10.89 -16.14
N ARG A 258 -16.71 -10.63 -16.86
CA ARG A 258 -17.94 -11.36 -16.64
C ARG A 258 -18.44 -11.20 -15.20
N ILE A 259 -18.40 -9.97 -14.72
CA ILE A 259 -18.87 -9.66 -13.39
C ILE A 259 -20.21 -9.01 -13.50
N GLU A 260 -21.13 -9.37 -12.59
CA GLU A 260 -22.41 -8.66 -12.45
C GLU A 260 -22.46 -7.97 -11.11
N LEU A 261 -22.82 -6.69 -11.12
CA LEU A 261 -22.95 -5.94 -9.89
C LEU A 261 -24.20 -6.38 -9.09
N ASP A 262 -24.10 -6.39 -7.76
CA ASP A 262 -25.33 -6.54 -6.93
C ASP A 262 -26.36 -5.51 -7.44
N PRO A 263 -27.62 -5.94 -7.67
CA PRO A 263 -28.65 -4.96 -8.16
C PRO A 263 -28.74 -3.68 -7.34
N GLN A 264 -28.61 -3.76 -6.00
CA GLN A 264 -28.56 -2.58 -5.11
C GLN A 264 -27.42 -1.61 -5.53
N LEU A 265 -26.27 -2.20 -5.84
CA LEU A 265 -25.04 -1.42 -6.09
C LEU A 265 -25.22 -0.78 -7.47
N GLU A 266 -25.71 -1.58 -8.41
CA GLU A 266 -25.89 -1.09 -9.75
C GLU A 266 -26.78 0.16 -9.66
N ALA A 267 -27.85 0.13 -8.84
CA ALA A 267 -28.80 1.23 -8.80
C ALA A 267 -28.13 2.45 -8.20
N LEU A 268 -27.27 2.22 -7.20
CA LEU A 268 -26.59 3.34 -6.54
C LEU A 268 -25.58 4.00 -7.49
N VAL A 269 -24.95 3.16 -8.35
CA VAL A 269 -23.86 3.69 -9.21
C VAL A 269 -24.47 4.57 -10.32
N GLY A 270 -25.64 4.17 -10.85
CA GLY A 270 -26.36 5.05 -11.81
C GLY A 270 -25.63 5.12 -13.13
N ARG A 271 -25.64 6.28 -13.76
CA ARG A 271 -24.93 6.48 -15.02
C ARG A 271 -24.24 7.80 -14.91
N HIS A 272 -22.92 7.91 -15.25
CA HIS A 272 -22.21 9.15 -15.13
C HIS A 272 -21.21 9.29 -16.25
N SER A 273 -21.07 10.54 -16.70
CA SER A 273 -20.03 10.94 -17.63
CA SER A 273 -19.99 10.87 -17.64
C SER A 273 -18.67 10.99 -16.91
N ARG A 274 -17.60 10.75 -17.65
CA ARG A 274 -16.25 10.89 -17.12
C ARG A 274 -15.91 12.36 -16.87
N LYS A 275 -15.38 12.63 -15.70
CA LYS A 275 -14.90 13.95 -15.35
C LYS A 275 -13.38 14.06 -15.61
N PRO A 276 -12.99 14.93 -16.57
CA PRO A 276 -11.58 15.10 -16.92
C PRO A 276 -10.78 15.52 -15.71
N TRP A 277 -9.53 15.08 -15.65
CA TRP A 277 -8.75 15.33 -14.48
C TRP A 277 -8.53 16.84 -14.20
N LEU A 278 -8.48 17.63 -15.27
CA LEU A 278 -8.20 19.06 -15.16
C LEU A 278 -9.31 19.80 -14.44
N LYS A 279 -10.50 19.21 -14.38
CA LYS A 279 -11.57 19.81 -13.61
C LYS A 279 -11.26 19.79 -12.10
N PHE A 280 -10.27 19.01 -11.66
CA PHE A 280 -9.95 19.01 -10.26
C PHE A 280 -8.97 20.09 -9.91
N MET A 281 -8.45 20.74 -10.97
CA MET A 281 -7.47 21.76 -10.77
C MET A 281 -8.11 23.02 -10.19
N ASN A 282 -7.41 23.69 -9.30
CA ASN A 282 -7.90 24.96 -8.67
C ASN A 282 -6.73 25.69 -8.02
N ALA A 283 -7.02 26.84 -7.37
CA ALA A 283 -5.91 27.60 -6.85
C ALA A 283 -5.14 26.96 -5.71
N ASP A 284 -5.72 26.04 -4.92
CA ASP A 284 -4.81 25.46 -3.89
C ASP A 284 -3.79 24.47 -4.50
N ASN A 285 -4.05 23.97 -5.70
CA ASN A 285 -3.27 22.80 -6.15
C ASN A 285 -2.45 23.09 -7.42
N GLN A 286 -2.65 24.32 -7.95
CA GLN A 286 -2.22 24.63 -9.27
C GLN A 286 -0.71 24.43 -9.39
N HIS A 287 0.01 24.70 -8.30
CA HIS A 287 1.47 24.61 -8.30
C HIS A 287 1.93 23.16 -8.41
N LEU A 288 0.98 22.20 -8.37
CA LEU A 288 1.38 20.75 -8.32
C LEU A 288 0.89 20.01 -9.53
N VAL A 289 -0.01 20.62 -10.26
CA VAL A 289 -0.70 19.84 -11.30
C VAL A 289 -0.14 19.82 -12.77
N SER A 290 1.12 19.54 -12.95
CA SER A 290 1.64 19.47 -14.35
C SER A 290 0.93 18.41 -15.26
N PRO A 291 1.05 18.61 -16.59
CA PRO A 291 0.62 17.61 -17.59
C PRO A 291 1.29 16.21 -17.35
N GLU A 292 2.51 16.22 -16.85
CA GLU A 292 3.26 14.88 -16.53
C GLU A 292 2.61 14.25 -15.32
N ALA A 293 2.32 15.07 -14.30
CA ALA A 293 1.58 14.48 -13.17
C ALA A 293 0.26 13.86 -13.58
N ILE A 294 -0.56 14.58 -14.39
CA ILE A 294 -1.85 14.11 -14.73
C ILE A 294 -1.71 12.88 -15.64
N ASP A 295 -0.75 12.88 -16.57
CA ASP A 295 -0.57 11.66 -17.43
C ASP A 295 -0.28 10.42 -16.54
N PHE A 296 0.62 10.58 -15.63
CA PHE A 296 1.02 9.46 -14.75
C PHE A 296 -0.20 9.00 -13.94
N LEU A 297 -0.86 9.93 -13.30
CA LEU A 297 -2.14 9.59 -12.57
C LEU A 297 -3.14 8.82 -13.39
N ASP A 298 -3.41 9.30 -14.64
CA ASP A 298 -4.30 8.67 -15.51
C ASP A 298 -4.01 7.23 -15.78
N LYS A 299 -2.74 6.95 -15.85
CA LYS A 299 -2.25 5.53 -16.16
C LYS A 299 -2.25 4.62 -14.94
N LEU A 300 -2.48 5.19 -13.71
CA LEU A 300 -2.66 4.35 -12.50
C LEU A 300 -4.14 4.10 -12.24
N LEU A 301 -4.99 5.16 -12.42
CA LEU A 301 -6.39 5.05 -12.01
C LEU A 301 -7.21 4.52 -13.20
N ARG A 302 -7.06 3.22 -13.44
CA ARG A 302 -7.87 2.58 -14.53
C ARG A 302 -8.71 1.49 -13.82
N TYR A 303 -9.95 1.34 -14.26
CA TYR A 303 -10.77 0.32 -13.68
C TYR A 303 -10.11 -1.06 -13.82
N ASP A 304 -9.65 -1.31 -15.06
CA ASP A 304 -9.13 -2.60 -15.39
C ASP A 304 -7.73 -2.67 -14.84
N HIS A 305 -7.59 -3.56 -13.87
CA HIS A 305 -6.31 -3.78 -13.20
C HIS A 305 -5.24 -4.18 -14.13
N GLN A 306 -5.61 -4.94 -15.20
CA GLN A 306 -4.57 -5.27 -16.18
C GLN A 306 -4.00 -4.12 -17.02
N GLU A 307 -4.69 -2.96 -17.04
CA GLU A 307 -4.29 -1.81 -17.81
C GLU A 307 -3.39 -0.89 -17.08
N ARG A 308 -3.37 -0.99 -15.71
CA ARG A 308 -2.61 0.00 -14.92
C ARG A 308 -1.12 -0.14 -15.19
N LEU A 309 -0.33 0.91 -14.96
CA LEU A 309 1.12 0.76 -15.04
C LEU A 309 1.56 -0.22 -13.98
N THR A 310 2.60 -1.00 -14.27
CA THR A 310 3.26 -1.74 -13.18
C THR A 310 4.19 -0.79 -12.44
N ALA A 311 4.64 -1.19 -11.25
CA ALA A 311 5.54 -0.26 -10.55
C ALA A 311 6.83 -0.01 -11.31
N LEU A 312 7.38 -1.02 -12.01
CA LEU A 312 8.58 -0.85 -12.77
C LEU A 312 8.34 0.15 -13.86
N GLU A 313 7.21 0.03 -14.59
CA GLU A 313 6.90 1.07 -15.67
C GLU A 313 6.72 2.43 -15.05
N ALA A 314 5.99 2.49 -13.95
CA ALA A 314 5.75 3.80 -13.31
C ALA A 314 7.07 4.56 -13.04
N MET A 315 8.08 3.85 -12.55
CA MET A 315 9.42 4.44 -12.19
C MET A 315 10.04 5.09 -13.43
N THR A 316 9.70 4.55 -14.63
CA THR A 316 10.32 5.14 -15.84
C THR A 316 9.49 6.23 -16.49
N HIS A 317 8.30 6.55 -15.96
CA HIS A 317 7.56 7.63 -16.52
C HIS A 317 8.29 8.96 -16.46
N PRO A 318 8.23 9.76 -17.54
CA PRO A 318 8.91 11.08 -17.56
C PRO A 318 8.61 12.00 -16.39
N TYR A 319 7.40 11.85 -15.77
CA TYR A 319 7.19 12.58 -14.52
C TYR A 319 8.35 12.51 -13.57
N PHE A 320 9.08 11.38 -13.45
CA PHE A 320 10.17 11.26 -12.52
C PHE A 320 11.61 11.51 -13.11
N GLN A 321 11.67 12.14 -14.25
CA GLN A 321 12.94 12.10 -14.96
C GLN A 321 14.00 12.86 -14.19
N GLN A 322 13.62 13.89 -13.38
CA GLN A 322 14.66 14.65 -12.63
C GLN A 322 15.09 13.85 -11.42
N VAL A 323 14.13 13.13 -10.81
CA VAL A 323 14.49 12.29 -9.71
C VAL A 323 15.49 11.18 -10.14
N ARG A 324 15.27 10.58 -11.33
CA ARG A 324 16.21 9.59 -11.88
C ARG A 324 17.56 10.22 -12.17
N ALA A 325 17.55 11.34 -12.90
CA ALA A 325 18.82 12.09 -13.18
C ALA A 325 19.58 12.38 -11.87
N ALA A 326 18.88 12.83 -10.83
CA ALA A 326 19.55 13.16 -9.59
C ALA A 326 20.17 11.90 -9.02
N GLU A 327 19.46 10.79 -9.13
CA GLU A 327 19.84 9.54 -8.50
C GLU A 327 20.88 8.80 -9.28
N ASN A 328 21.13 9.17 -10.54
CA ASN A 328 22.30 8.60 -11.19
C ASN A 328 23.60 9.15 -10.55
N SER A 329 23.58 10.43 -10.16
CA SER A 329 24.75 11.14 -9.62
C SER A 329 25.66 11.55 -10.76
C14 WUL B . -1.09 2.69 10.42
N3 WUL B . -0.38 0.86 11.67
O3 WUL B . -1.95 2.14 9.32
C13 WUL B . -1.85 2.47 11.72
N1 WUL B . 2.91 1.32 12.62
O1 WUL B . 3.63 -2.38 11.26
C12 WUL B . -1.79 0.93 11.93
N2 WUL B . 2.12 -0.83 12.02
C5 WUL B . 0.55 0.75 12.85
C3 WUL B . 1.92 0.42 12.50
C2 WUL B . 4.18 0.95 12.37
C7 WUL B . 5.37 1.65 12.42
BR1 WUL B . 7.73 5.07 12.93
C11 WUL B . 5.76 2.97 12.74
C10 WUL B . 7.12 3.23 12.54
C9 WUL B . 8.10 2.38 12.20
C8 WUL B . 7.66 1.07 11.89
O2 WUL B . 5.73 -0.43 11.73
C6 WUL B . 6.35 0.78 12.00
C1 WUL B . 4.44 -0.33 11.92
C4 WUL B . 3.40 -1.24 11.76
C15 WUL B . 0.08 1.78 10.61
#